data_9B3G
#
_entry.id   9B3G
#
_cell.length_a   41.920
_cell.length_b   41.920
_cell.length_c   61.180
_cell.angle_alpha   90.000
_cell.angle_beta   90.000
_cell.angle_gamma   90.000
#
_symmetry.space_group_name_H-M   'P 41'
#
loop_
_entity.id
_entity.type
_entity.pdbx_description
1 polymer 'Neurogenic locus notch homolog protein 1'
2 non-polymer 'BARIUM ION'
3 water water
#
_entity_poly.entity_id   1
_entity_poly.type   'polypeptide(L)'
_entity_poly.pdbx_seq_one_letter_code
;SATNINECASNPCLNQGTCIDDVAGYKCNCLLPYTGATCEVVLAPCAPSPCRNGGECRQSEDYESFSCVCPTGWQGQTCE
VDINECVLSPCRHGASCQNTHGGYRCHCQAGYSGRNCET
;
_entity_poly.pdbx_strand_id   A
#
# COMPACT_ATOMS: atom_id res chain seq x y z
N GLU A 7 -18.98 -13.30 -35.21
CA GLU A 7 -18.08 -13.82 -34.20
C GLU A 7 -18.57 -13.49 -32.79
N CYS A 8 -19.13 -12.29 -32.61
CA CYS A 8 -19.56 -11.88 -31.28
C CYS A 8 -20.75 -12.69 -30.78
N ALA A 9 -21.50 -13.33 -31.69
CA ALA A 9 -22.60 -14.19 -31.26
C ALA A 9 -22.10 -15.34 -30.40
N SER A 10 -20.80 -15.63 -30.43
CA SER A 10 -20.21 -16.64 -29.55
C SER A 10 -19.85 -16.06 -28.18
N ASN A 11 -20.17 -14.80 -27.93
CA ASN A 11 -19.94 -14.12 -26.64
C ASN A 11 -18.58 -14.49 -26.04
N PRO A 12 -17.47 -14.19 -26.73
CA PRO A 12 -16.15 -14.63 -26.25
C PRO A 12 -15.58 -13.77 -25.14
N CYS A 13 -16.13 -12.59 -24.88
CA CYS A 13 -15.55 -11.68 -23.91
C CYS A 13 -15.99 -12.07 -22.51
N LEU A 14 -15.02 -12.25 -21.62
CA LEU A 14 -15.31 -12.69 -20.27
C LEU A 14 -15.56 -11.50 -19.34
N ASN A 15 -15.96 -11.82 -18.11
CA ASN A 15 -16.17 -10.83 -17.06
C ASN A 15 -17.01 -9.66 -17.57
N GLN A 16 -17.98 -10.02 -18.38
CA GLN A 16 -19.05 -9.13 -18.81
CA GLN A 16 -19.06 -9.13 -18.81
C GLN A 16 -18.55 -7.97 -19.66
N GLY A 17 -17.41 -8.16 -20.32
CA GLY A 17 -17.01 -7.22 -21.34
C GLY A 17 -17.93 -7.30 -22.53
N THR A 18 -17.90 -6.26 -23.35
CA THR A 18 -18.76 -6.17 -24.53
C THR A 18 -17.95 -6.44 -25.78
N CYS A 19 -18.57 -7.11 -26.75
CA CYS A 19 -17.91 -7.58 -27.95
C CYS A 19 -18.27 -6.71 -29.14
N ILE A 20 -17.29 -6.54 -30.04
CA ILE A 20 -17.45 -5.73 -31.24
C ILE A 20 -16.92 -6.54 -32.41
N ASP A 21 -17.77 -6.74 -33.42
CA ASP A 21 -17.36 -7.47 -34.62
C ASP A 21 -16.55 -6.56 -35.53
N ASP A 22 -15.37 -7.03 -35.94
CA ASP A 22 -14.48 -6.27 -36.80
C ASP A 22 -13.96 -7.17 -37.91
N VAL A 23 -13.44 -6.54 -38.97
CA VAL A 23 -13.05 -7.29 -40.16
C VAL A 23 -11.82 -8.16 -39.90
N ALA A 24 -10.84 -7.63 -39.17
CA ALA A 24 -9.68 -8.43 -38.77
C ALA A 24 -10.17 -9.58 -37.89
N GLY A 25 -10.54 -9.26 -36.66
CA GLY A 25 -11.19 -10.20 -35.76
C GLY A 25 -11.95 -9.39 -34.73
N TYR A 26 -12.81 -10.08 -33.99
CA TYR A 26 -13.59 -9.39 -32.97
C TYR A 26 -12.66 -8.78 -31.93
N LYS A 27 -13.21 -7.84 -31.15
CA LYS A 27 -12.47 -7.19 -30.08
C LYS A 27 -13.39 -7.04 -28.88
N CYS A 28 -12.78 -7.08 -27.70
CA CYS A 28 -13.50 -7.01 -26.43
C CYS A 28 -13.22 -5.68 -25.76
N ASN A 29 -14.28 -4.99 -25.35
CA ASN A 29 -14.18 -3.78 -24.54
C ASN A 29 -14.38 -4.24 -23.10
N CYS A 30 -13.30 -4.33 -22.33
CA CYS A 30 -13.36 -4.93 -21.01
C CYS A 30 -13.73 -3.88 -19.96
N LEU A 31 -14.27 -4.38 -18.85
CA LEU A 31 -14.61 -3.55 -17.71
C LEU A 31 -13.49 -3.63 -16.69
N LEU A 32 -12.82 -2.51 -16.45
CA LEU A 32 -11.79 -2.47 -15.42
C LEU A 32 -12.31 -3.11 -14.14
N PRO A 33 -11.49 -3.90 -13.43
CA PRO A 33 -10.05 -4.09 -13.67
C PRO A 33 -9.66 -5.20 -14.65
N TYR A 34 -10.62 -5.71 -15.39
CA TYR A 34 -10.32 -6.77 -16.34
C TYR A 34 -9.72 -6.19 -17.61
N THR A 35 -8.87 -7.00 -18.25
CA THR A 35 -8.10 -6.57 -19.40
C THR A 35 -7.71 -7.82 -20.16
N GLY A 36 -7.13 -7.62 -21.34
CA GLY A 36 -6.63 -8.71 -22.15
C GLY A 36 -7.54 -9.06 -23.31
N ALA A 37 -7.06 -9.99 -24.13
CA ALA A 37 -7.72 -10.30 -25.39
C ALA A 37 -9.18 -10.67 -25.19
N THR A 38 -9.48 -11.49 -24.18
CA THR A 38 -10.86 -11.86 -23.87
C THR A 38 -11.27 -11.41 -22.47
N CYS A 39 -10.61 -10.38 -21.94
CA CYS A 39 -10.92 -9.86 -20.60
C CYS A 39 -10.66 -10.91 -19.52
N GLU A 40 -9.69 -11.78 -19.75
CA GLU A 40 -9.41 -12.87 -18.82
C GLU A 40 -8.35 -12.51 -17.79
N VAL A 41 -7.71 -11.35 -17.93
CA VAL A 41 -6.64 -10.92 -17.03
C VAL A 41 -7.21 -9.89 -16.07
N VAL A 42 -6.75 -9.93 -14.82
CA VAL A 42 -7.14 -8.96 -13.80
C VAL A 42 -5.95 -8.08 -13.51
N LEU A 43 -6.11 -6.77 -13.70
CA LEU A 43 -5.14 -5.81 -13.20
C LEU A 43 -5.23 -5.80 -11.67
N ALA A 44 -4.12 -6.14 -11.01
CA ALA A 44 -4.10 -6.36 -9.56
C ALA A 44 -2.75 -5.90 -9.03
N PRO A 45 -2.52 -4.58 -8.96
CA PRO A 45 -1.19 -4.09 -8.55
C PRO A 45 -0.81 -4.44 -7.12
N CYS A 46 -1.73 -4.89 -6.29
CA CYS A 46 -1.40 -5.32 -4.94
C CYS A 46 -1.20 -6.82 -4.82
N ALA A 47 -1.42 -7.57 -5.90
CA ALA A 47 -1.33 -9.03 -5.82
C ALA A 47 0.03 -9.52 -5.37
N PRO A 48 1.15 -8.90 -5.76
CA PRO A 48 2.46 -9.36 -5.27
C PRO A 48 2.72 -9.05 -3.80
N SER A 49 1.79 -8.44 -3.09
CA SER A 49 2.00 -7.96 -1.72
C SER A 49 3.25 -7.10 -1.66
N PRO A 50 3.23 -5.91 -2.28
CA PRO A 50 4.46 -5.12 -2.41
C PRO A 50 4.83 -4.31 -1.17
N CYS A 51 3.90 -4.09 -0.25
CA CYS A 51 4.18 -3.28 0.92
C CYS A 51 4.91 -4.12 1.96
N ARG A 52 5.70 -3.46 2.79
CA ARG A 52 6.49 -4.12 3.82
C ARG A 52 6.11 -3.55 5.19
N ASN A 53 6.54 -4.27 6.22
CA ASN A 53 6.37 -3.83 7.61
C ASN A 53 4.91 -3.53 7.95
N GLY A 54 4.02 -4.36 7.42
CA GLY A 54 2.62 -4.26 7.76
C GLY A 54 1.86 -3.18 7.02
N GLY A 55 2.48 -2.54 6.03
CA GLY A 55 1.76 -1.53 5.27
C GLY A 55 0.59 -2.14 4.53
N GLU A 56 -0.47 -1.35 4.39
CA GLU A 56 -1.69 -1.76 3.71
C GLU A 56 -1.63 -1.30 2.26
N CYS A 57 -1.73 -2.25 1.33
CA CYS A 57 -1.67 -1.93 -0.09
C CYS A 57 -3.04 -1.46 -0.58
N ARG A 58 -3.03 -0.39 -1.36
CA ARG A 58 -4.26 0.18 -1.93
C ARG A 58 -4.06 0.40 -3.42
N GLN A 59 -4.97 -0.14 -4.22
CA GLN A 59 -4.86 -0.05 -5.67
C GLN A 59 -5.44 1.27 -6.17
N SER A 60 -4.83 1.78 -7.23
CA SER A 60 -5.26 3.04 -7.82
C SER A 60 -6.61 2.88 -8.50
N GLU A 61 -7.26 4.01 -8.76
CA GLU A 61 -8.58 4.01 -9.37
C GLU A 61 -8.57 3.40 -10.76
N ASP A 62 -7.43 3.44 -11.45
CA ASP A 62 -7.30 2.84 -12.77
C ASP A 62 -6.56 1.50 -12.73
N TYR A 63 -6.18 1.04 -11.53
CA TYR A 63 -5.57 -0.27 -11.31
C TYR A 63 -4.20 -0.42 -11.97
N GLU A 64 -3.56 0.69 -12.34
CA GLU A 64 -2.24 0.64 -12.96
C GLU A 64 -1.11 0.72 -11.94
N SER A 65 -1.39 1.11 -10.70
CA SER A 65 -0.34 1.30 -9.70
C SER A 65 -0.92 1.05 -8.31
N PHE A 66 -0.06 1.16 -7.31
CA PHE A 66 -0.48 0.99 -5.92
C PHE A 66 0.16 2.09 -5.06
N SER A 67 -0.40 2.27 -3.88
CA SER A 67 0.21 3.04 -2.81
C SER A 67 0.18 2.18 -1.55
N CYS A 68 1.02 2.52 -0.59
CA CYS A 68 1.07 1.82 0.69
C CYS A 68 0.73 2.80 1.81
N VAL A 69 -0.17 2.39 2.70
CA VAL A 69 -0.48 3.14 3.90
C VAL A 69 0.37 2.55 5.03
N CYS A 70 1.37 3.29 5.47
CA CYS A 70 2.34 2.69 6.38
C CYS A 70 1.88 2.82 7.83
N PRO A 71 2.13 1.79 8.63
CA PRO A 71 1.91 1.92 10.08
C PRO A 71 2.90 2.90 10.70
N THR A 72 2.56 3.33 11.91
CA THR A 72 3.35 4.31 12.64
C THR A 72 4.82 3.91 12.67
N GLY A 73 5.69 4.88 12.36
CA GLY A 73 7.11 4.68 12.43
C GLY A 73 7.79 4.28 11.14
N TRP A 74 7.03 4.07 10.07
CA TRP A 74 7.57 3.64 8.80
C TRP A 74 7.15 4.59 7.69
N GLN A 75 7.98 4.66 6.66
CA GLN A 75 7.75 5.54 5.53
C GLN A 75 8.39 4.93 4.29
N GLY A 76 8.33 5.67 3.20
CA GLY A 76 8.76 5.16 1.91
C GLY A 76 7.59 4.58 1.12
N GLN A 77 7.82 4.44 -0.20
CA GLN A 77 6.74 3.97 -1.06
C GLN A 77 6.20 2.63 -0.63
N THR A 78 7.06 1.76 -0.09
CA THR A 78 6.67 0.43 0.35
C THR A 78 6.85 0.24 1.85
N CYS A 79 7.03 1.34 2.59
CA CYS A 79 7.12 1.30 4.05
C CYS A 79 8.37 0.59 4.55
N GLU A 80 9.44 0.62 3.76
CA GLU A 80 10.68 -0.03 4.16
C GLU A 80 11.64 0.89 4.92
N VAL A 81 11.32 2.17 5.06
CA VAL A 81 12.26 3.16 5.59
C VAL A 81 11.83 3.57 6.99
N ASP A 82 12.78 3.53 7.92
CA ASP A 82 12.51 3.90 9.30
C ASP A 82 12.34 5.41 9.44
N ILE A 83 11.47 5.79 10.36
CA ILE A 83 11.30 7.19 10.75
C ILE A 83 12.05 7.41 12.04
N ASN A 84 12.79 8.52 12.11
CA ASN A 84 13.55 8.84 13.33
C ASN A 84 12.73 9.80 14.17
N GLU A 85 11.99 9.24 15.14
CA GLU A 85 11.18 10.07 16.02
C GLU A 85 12.02 11.02 16.86
N CYS A 86 13.32 10.79 16.96
CA CYS A 86 14.17 11.57 17.85
C CYS A 86 14.68 12.86 17.21
N VAL A 87 14.43 13.10 15.92
CA VAL A 87 14.83 14.36 15.32
C VAL A 87 14.14 15.52 16.03
N LEU A 88 12.84 15.37 16.29
CA LEU A 88 12.07 16.28 17.15
C LEU A 88 11.59 15.42 18.32
N SER A 89 12.41 15.31 19.35
CA SER A 89 12.18 14.26 20.35
C SER A 89 10.82 14.45 21.03
N PRO A 90 10.05 13.38 21.18
CA PRO A 90 8.81 13.44 21.98
C PRO A 90 9.02 13.12 23.46
N CYS A 91 10.26 12.85 23.88
CA CYS A 91 10.53 12.41 25.23
C CYS A 91 10.49 13.59 26.19
N ARG A 92 9.69 13.46 27.23
CA ARG A 92 9.35 14.58 28.09
C ARG A 92 10.17 14.57 29.37
N HIS A 93 10.11 15.70 30.08
CA HIS A 93 10.64 15.81 31.44
C HIS A 93 12.12 15.42 31.50
N GLY A 94 12.89 15.94 30.54
CA GLY A 94 14.32 15.77 30.52
C GLY A 94 14.82 14.48 29.92
N ALA A 95 13.92 13.60 29.47
CA ALA A 95 14.31 12.26 29.07
C ALA A 95 15.09 12.28 27.76
N SER A 96 15.99 11.31 27.63
CA SER A 96 16.76 11.11 26.41
C SER A 96 15.94 10.28 25.41
N CYS A 97 16.24 10.45 24.13
CA CYS A 97 15.55 9.73 23.05
C CYS A 97 16.54 8.84 22.33
N GLN A 98 16.20 7.56 22.18
CA GLN A 98 17.00 6.60 21.43
C GLN A 98 16.18 6.12 20.24
N ASN A 99 16.71 6.34 19.04
CA ASN A 99 16.08 5.90 17.81
C ASN A 99 16.41 4.43 17.58
N THR A 100 15.38 3.60 17.44
CA THR A 100 15.59 2.18 17.17
C THR A 100 14.97 1.82 15.82
N HIS A 101 15.30 0.61 15.35
CA HIS A 101 14.75 0.13 14.10
C HIS A 101 13.27 -0.17 14.31
N GLY A 102 12.42 0.69 13.77
CA GLY A 102 10.98 0.52 13.89
C GLY A 102 10.34 1.14 15.10
N GLY A 103 11.11 1.80 15.96
CA GLY A 103 10.54 2.43 17.12
C GLY A 103 11.48 3.45 17.74
N TYR A 104 11.23 3.74 19.01
CA TYR A 104 12.08 4.65 19.76
C TYR A 104 11.90 4.36 21.25
N ARG A 105 12.90 4.74 22.04
CA ARG A 105 12.88 4.54 23.48
C ARG A 105 13.19 5.86 24.17
N CYS A 106 12.38 6.22 25.16
CA CYS A 106 12.63 7.38 26.01
C CYS A 106 13.17 6.88 27.33
N HIS A 107 14.38 7.32 27.69
CA HIS A 107 15.01 6.96 28.96
CA HIS A 107 15.01 6.96 28.96
C HIS A 107 14.74 8.08 29.95
N CYS A 108 13.93 7.80 30.96
CA CYS A 108 13.42 8.83 31.84
C CYS A 108 14.42 9.22 32.93
N GLN A 109 14.47 10.52 33.22
CA GLN A 109 15.19 10.99 34.39
C GLN A 109 14.39 10.68 35.65
N ALA A 110 15.07 10.77 36.79
CA ALA A 110 14.50 10.37 38.06
C ALA A 110 13.12 10.96 38.26
N GLY A 111 12.17 10.13 38.69
CA GLY A 111 10.85 10.58 39.05
C GLY A 111 9.86 10.66 37.91
N TYR A 112 10.14 10.05 36.75
CA TYR A 112 9.27 10.11 35.60
C TYR A 112 9.22 8.74 34.92
N SER A 113 8.08 8.44 34.31
CA SER A 113 7.86 7.14 33.70
C SER A 113 6.90 7.30 32.53
N GLY A 114 6.62 6.18 31.85
CA GLY A 114 5.76 6.17 30.68
C GLY A 114 6.56 6.13 29.39
N ARG A 115 5.85 5.85 28.30
CA ARG A 115 6.51 5.65 27.02
C ARG A 115 7.24 6.91 26.57
N ASN A 116 6.65 8.08 26.81
CA ASN A 116 7.29 9.37 26.54
C ASN A 116 7.77 10.02 27.83
N CYS A 117 7.86 9.26 28.92
CA CYS A 117 8.23 9.79 30.22
C CYS A 117 7.32 10.94 30.62
N GLU A 118 6.04 10.78 30.29
CA GLU A 118 5.02 11.80 30.58
C GLU A 118 4.28 11.57 31.88
N THR A 119 4.18 10.32 32.32
CA THR A 119 3.34 9.97 33.46
C THR A 119 4.09 10.08 34.78
#